data_7YYG
#
_entry.id   7YYG
#
_cell.length_a   84.859
_cell.length_b   84.859
_cell.length_c   102.565
_cell.angle_alpha   90.00
_cell.angle_beta   90.00
_cell.angle_gamma   90.00
#
_symmetry.space_group_name_H-M   'P 42 2 2'
#
loop_
_entity.id
_entity.type
_entity.pdbx_description
1 polymer 'Putative outer protein N'
2 non-polymer 'CALCIUM ION'
3 non-polymer 'SODIUM ION'
4 non-polymer 'CHLORIDE ION'
5 non-polymer GLYCEROL
6 non-polymer 'ACETATE ION'
7 non-polymer 'TRIETHYLENE GLYCOL'
8 water water
#
_entity_poly.entity_id   1
_entity_poly.type   'polypeptide(L)'
_entity_poly.pdbx_seq_one_letter_code
;MTRIDAAPNPFHAAMQGRHDASANTSSGWLQGQRIAPAPTGISLADAAEELSLHMAQAAEEKHHSERKVTAERPMLWLDA
AQLAELFSHTHDPDAQAKLEALTAELLRGRGAPMQLAAQAFPGVTQQYLALQHALQRGEHEDAAPHALEALRDALADLEL
AHGPEIRAGINTLPTAGAFARSADELAGFQHAYRDIALGQLSLARTLDLVLERYGNDDIHGALGALIQALGHDLAAATPS
TDGVRLQVLASDLYQVEVAATVLEECNALKQRLGNAGSQECADAQGLMRDLVGISEDKWIAPARFEKLAERHGANALSER
IAFLGGVRQILKDLPTQIYADMDVRATVLAAAQDALDNAIAMENA
;
_entity_poly.pdbx_strand_id   A
#
# COMPACT_ATOMS: atom_id res chain seq x y z
N LEU A 83 -24.90 0.12 -10.30
CA LEU A 83 -23.51 0.14 -10.86
C LEU A 83 -23.04 1.57 -11.13
N ALA A 84 -23.88 2.37 -11.79
CA ALA A 84 -23.59 3.77 -12.09
C ALA A 84 -23.34 4.57 -10.80
N GLU A 85 -24.16 4.31 -9.78
CA GLU A 85 -24.02 4.92 -8.45
C GLU A 85 -22.70 4.63 -7.73
N LEU A 86 -22.10 3.45 -8.02
CA LEU A 86 -20.83 3.04 -7.40
C LEU A 86 -19.65 3.91 -7.81
N PHE A 87 -19.76 4.55 -8.98
CA PHE A 87 -18.71 5.44 -9.51
C PHE A 87 -18.66 6.81 -8.80
N SER A 88 -19.63 7.06 -7.91
CA SER A 88 -19.60 8.19 -6.99
C SER A 88 -18.40 8.12 -6.04
N HIS A 89 -17.91 6.91 -5.79
CA HIS A 89 -16.75 6.66 -4.92
C HIS A 89 -15.42 7.18 -5.48
N THR A 90 -15.39 7.50 -6.77
CA THR A 90 -14.23 8.17 -7.39
C THR A 90 -14.11 9.63 -6.94
N HIS A 91 -15.25 10.22 -6.52
CA HIS A 91 -15.36 11.65 -6.18
C HIS A 91 -15.03 12.57 -7.36
N ASP A 92 -15.29 12.07 -8.58
CA ASP A 92 -15.20 12.83 -9.81
C ASP A 92 -16.57 13.44 -10.03
N PRO A 93 -16.71 14.79 -10.09
CA PRO A 93 -18.01 15.42 -10.28
C PRO A 93 -18.69 15.00 -11.60
N ASP A 94 -17.89 14.64 -12.61
CA ASP A 94 -18.37 14.14 -13.90
C ASP A 94 -18.24 12.62 -14.06
N ALA A 95 -18.22 11.89 -12.93
CA ALA A 95 -18.11 10.44 -12.93
C ALA A 95 -19.20 9.78 -13.77
N GLN A 96 -20.44 10.22 -13.55
CA GLN A 96 -21.62 9.64 -14.17
C GLN A 96 -21.63 9.86 -15.69
N ALA A 97 -21.37 11.10 -16.12
CA ALA A 97 -21.27 11.45 -17.53
C ALA A 97 -20.17 10.64 -18.22
N LYS A 98 -19.01 10.53 -17.56
CA LYS A 98 -17.86 9.78 -18.08
C LYS A 98 -18.22 8.32 -18.36
N LEU A 99 -18.90 7.69 -17.39
CA LEU A 99 -19.37 6.31 -17.50
C LEU A 99 -20.34 6.13 -18.67
N GLU A 100 -21.25 7.10 -18.84
CA GLU A 100 -22.24 7.08 -19.90
C GLU A 100 -21.61 7.30 -21.27
N ALA A 101 -20.58 8.16 -21.32
CA ALA A 101 -19.83 8.41 -22.54
C ALA A 101 -19.03 7.16 -22.94
N LEU A 102 -18.38 6.54 -21.94
CA LEU A 102 -17.67 5.28 -22.12
C LEU A 102 -18.60 4.18 -22.62
N THR A 103 -19.79 4.07 -22.00
CA THR A 103 -20.79 3.09 -22.39
C THR A 103 -21.13 3.23 -23.87
N ALA A 104 -21.37 4.47 -24.31
CA ALA A 104 -21.65 4.77 -25.70
C ALA A 104 -20.49 4.36 -26.63
N GLU A 105 -19.26 4.64 -26.20
N GLU A 105 -19.26 4.63 -26.20
CA GLU A 105 -18.04 4.30 -26.93
CA GLU A 105 -18.08 4.29 -27.00
C GLU A 105 -17.86 2.79 -27.02
C GLU A 105 -17.84 2.78 -27.04
N LEU A 106 -18.10 2.10 -25.91
CA LEU A 106 -18.02 0.64 -25.84
C LEU A 106 -19.03 -0.03 -26.78
N LEU A 107 -20.29 0.44 -26.74
CA LEU A 107 -21.36 -0.12 -27.56
C LEU A 107 -21.26 0.28 -29.03
N ARG A 108 -20.54 1.36 -29.31
CA ARG A 108 -20.21 1.82 -30.69
C ARG A 108 -19.38 0.73 -31.38
N GLY A 109 -18.50 0.05 -30.63
CA GLY A 109 -17.80 -1.13 -31.09
C GLY A 109 -16.64 -0.96 -32.06
N ARG A 110 -15.99 0.21 -32.01
N ARG A 110 -16.00 0.22 -32.03
CA ARG A 110 -14.78 0.53 -32.82
CA ARG A 110 -14.79 0.54 -32.82
C ARG A 110 -13.52 0.19 -32.01
C ARG A 110 -13.54 0.18 -32.01
N GLY A 111 -13.45 0.68 -30.77
CA GLY A 111 -12.28 0.49 -29.91
C GLY A 111 -12.26 -0.83 -29.15
N ALA A 112 -11.07 -1.21 -28.68
CA ALA A 112 -10.87 -2.37 -27.82
C ALA A 112 -11.46 -2.07 -26.44
N PRO A 113 -12.46 -2.85 -25.97
CA PRO A 113 -13.14 -2.58 -24.70
C PRO A 113 -12.20 -2.30 -23.50
N MET A 114 -11.21 -3.16 -23.28
CA MET A 114 -10.31 -3.04 -22.13
C MET A 114 -9.52 -1.73 -22.13
N GLN A 115 -9.00 -1.36 -23.30
N GLN A 115 -9.00 -1.36 -23.30
CA GLN A 115 -8.24 -0.13 -23.49
CA GLN A 115 -8.24 -0.14 -23.50
C GLN A 115 -9.10 1.11 -23.24
C GLN A 115 -9.10 1.11 -23.24
N LEU A 116 -10.30 1.13 -23.84
CA LEU A 116 -11.26 2.23 -23.67
C LEU A 116 -11.62 2.44 -22.20
N ALA A 117 -11.90 1.34 -21.50
CA ALA A 117 -12.26 1.37 -20.08
C ALA A 117 -11.11 1.91 -19.23
N ALA A 118 -9.89 1.46 -19.52
CA ALA A 118 -8.70 1.86 -18.77
C ALA A 118 -8.34 3.33 -18.97
N GLN A 119 -8.65 3.86 -20.16
CA GLN A 119 -8.44 5.27 -20.47
C GLN A 119 -9.43 6.17 -19.71
N ALA A 120 -10.61 5.63 -19.40
CA ALA A 120 -11.67 6.37 -18.74
C ALA A 120 -11.51 6.37 -17.21
N PHE A 121 -11.23 5.19 -16.64
CA PHE A 121 -11.18 5.01 -15.19
C PHE A 121 -9.94 4.23 -14.76
N PRO A 122 -9.13 4.76 -13.82
CA PRO A 122 -8.01 4.01 -13.25
C PRO A 122 -8.52 2.92 -12.31
N GLY A 123 -7.82 1.79 -12.26
CA GLY A 123 -8.16 0.67 -11.40
C GLY A 123 -9.03 -0.32 -12.13
N VAL A 124 -8.57 -1.58 -12.19
CA VAL A 124 -9.27 -2.66 -12.89
C VAL A 124 -10.69 -2.87 -12.33
N THR A 125 -10.89 -2.59 -11.05
CA THR A 125 -12.21 -2.67 -10.43
C THR A 125 -13.23 -1.78 -11.15
N GLN A 126 -12.85 -0.51 -11.38
CA GLN A 126 -13.71 0.46 -12.05
C GLN A 126 -13.90 0.09 -13.51
N GLN A 127 -12.85 -0.43 -14.13
CA GLN A 127 -12.88 -0.86 -15.52
C GLN A 127 -13.84 -2.03 -15.72
N TYR A 128 -13.75 -3.01 -14.82
CA TYR A 128 -14.61 -4.22 -14.82
C TYR A 128 -16.08 -3.81 -14.64
N LEU A 129 -16.36 -2.94 -13.67
CA LEU A 129 -17.72 -2.47 -13.39
C LEU A 129 -18.29 -1.68 -14.57
N ALA A 130 -17.44 -0.88 -15.24
CA ALA A 130 -17.84 -0.10 -16.41
C ALA A 130 -18.21 -0.99 -17.60
N LEU A 131 -17.43 -2.06 -17.82
CA LEU A 131 -17.69 -3.03 -18.87
C LEU A 131 -18.99 -3.80 -18.59
N GLN A 132 -19.19 -4.14 -17.32
CA GLN A 132 -20.42 -4.78 -16.86
C GLN A 132 -21.64 -3.89 -17.10
N HIS A 133 -21.52 -2.60 -16.74
CA HIS A 133 -22.57 -1.61 -16.93
C HIS A 133 -22.95 -1.48 -18.41
N ALA A 134 -21.93 -1.45 -19.28
CA ALA A 134 -22.12 -1.33 -20.72
C ALA A 134 -22.85 -2.54 -21.32
N LEU A 135 -22.48 -3.74 -20.83
CA LEU A 135 -23.09 -4.99 -21.28
C LEU A 135 -24.58 -5.04 -20.95
N GLN A 136 -24.93 -4.71 -19.70
CA GLN A 136 -26.32 -4.70 -19.24
C GLN A 136 -27.15 -3.74 -20.05
N ARG A 137 -26.61 -2.53 -20.25
CA ARG A 137 -27.24 -1.45 -21.05
C ARG A 137 -27.37 -1.89 -22.51
N GLY A 138 -26.29 -2.44 -23.09
CA GLY A 138 -26.28 -2.91 -24.46
C GLY A 138 -27.32 -3.96 -24.79
N GLU A 139 -27.52 -4.90 -23.85
CA GLU A 139 -28.54 -5.95 -23.99
C GLU A 139 -29.96 -5.37 -23.96
N HIS A 140 -30.22 -4.50 -22.98
CA HIS A 140 -31.50 -3.79 -22.85
C HIS A 140 -31.74 -2.82 -24.02
N GLU A 141 -30.69 -2.07 -24.40
CA GLU A 141 -30.75 -1.11 -25.49
C GLU A 141 -30.76 -1.74 -26.89
N ASP A 142 -30.51 -3.05 -26.97
CA ASP A 142 -30.54 -3.81 -28.21
C ASP A 142 -29.33 -3.44 -29.08
N ALA A 143 -28.15 -3.42 -28.47
CA ALA A 143 -26.89 -3.06 -29.12
C ALA A 143 -26.42 -4.18 -30.03
N ALA A 144 -25.45 -3.86 -30.90
CA ALA A 144 -24.88 -4.80 -31.87
C ALA A 144 -24.41 -6.07 -31.17
N PRO A 145 -24.83 -7.28 -31.60
CA PRO A 145 -24.34 -8.52 -30.99
C PRO A 145 -22.80 -8.61 -30.93
N HIS A 146 -22.10 -8.19 -31.99
CA HIS A 146 -20.63 -8.21 -32.01
C HIS A 146 -20.02 -7.35 -30.90
N ALA A 147 -20.59 -6.16 -30.70
CA ALA A 147 -20.14 -5.24 -29.65
C ALA A 147 -20.35 -5.86 -28.26
N LEU A 148 -21.51 -6.51 -28.07
CA LEU A 148 -21.83 -7.21 -26.83
C LEU A 148 -20.87 -8.37 -26.57
N GLU A 149 -20.60 -9.15 -27.62
CA GLU A 149 -19.67 -10.29 -27.55
C GLU A 149 -18.26 -9.83 -27.12
N ALA A 150 -17.81 -8.70 -27.68
CA ALA A 150 -16.52 -8.10 -27.34
C ALA A 150 -16.43 -7.74 -25.85
N LEU A 151 -17.54 -7.23 -25.30
CA LEU A 151 -17.62 -6.91 -23.86
C LEU A 151 -17.58 -8.16 -23.00
N ARG A 152 -18.29 -9.22 -23.44
CA ARG A 152 -18.34 -10.54 -22.76
C ARG A 152 -16.94 -11.14 -22.70
N ASP A 153 -16.21 -11.12 -23.83
CA ASP A 153 -14.83 -11.59 -23.89
C ASP A 153 -13.91 -10.81 -22.97
N ALA A 154 -14.05 -9.48 -22.96
CA ALA A 154 -13.25 -8.59 -22.11
C ALA A 154 -13.48 -8.89 -20.63
N LEU A 155 -14.75 -9.02 -20.24
CA LEU A 155 -15.13 -9.37 -18.88
C LEU A 155 -14.56 -10.74 -18.46
N ALA A 156 -14.63 -11.72 -19.37
CA ALA A 156 -14.12 -13.07 -19.13
C ALA A 156 -12.60 -13.09 -18.97
N ASP A 157 -11.90 -12.31 -19.81
CA ASP A 157 -10.45 -12.15 -19.71
C ASP A 157 -10.02 -11.55 -18.37
N LEU A 158 -10.79 -10.56 -17.90
CA LEU A 158 -10.51 -9.87 -16.63
C LEU A 158 -10.73 -10.77 -15.41
N GLU A 159 -11.79 -11.57 -15.46
CA GLU A 159 -12.10 -12.54 -14.39
C GLU A 159 -11.01 -13.60 -14.29
N LEU A 160 -10.56 -14.09 -15.44
CA LEU A 160 -9.54 -15.14 -15.52
C LEU A 160 -8.20 -14.65 -14.98
N ALA A 161 -7.80 -13.46 -15.44
CA ALA A 161 -6.50 -12.87 -15.10
C ALA A 161 -6.46 -12.17 -13.74
N HIS A 162 -7.55 -11.49 -13.37
CA HIS A 162 -7.58 -10.59 -12.22
C HIS A 162 -8.80 -10.74 -11.32
N GLY A 163 -9.40 -11.93 -11.31
CA GLY A 163 -10.62 -12.23 -10.57
C GLY A 163 -10.58 -11.81 -9.11
N PRO A 164 -9.63 -12.34 -8.32
CA PRO A 164 -9.49 -11.97 -6.90
C PRO A 164 -9.29 -10.46 -6.65
N GLU A 165 -8.48 -9.80 -7.48
CA GLU A 165 -8.25 -8.36 -7.39
C GLU A 165 -9.56 -7.57 -7.55
N ILE A 166 -10.37 -7.97 -8.54
CA ILE A 166 -11.65 -7.32 -8.82
C ILE A 166 -12.62 -7.54 -7.66
N ARG A 167 -12.68 -8.78 -7.16
CA ARG A 167 -13.50 -9.17 -5.98
C ARG A 167 -13.11 -8.29 -4.78
N ALA A 168 -11.80 -8.15 -4.53
CA ALA A 168 -11.29 -7.30 -3.46
C ALA A 168 -11.77 -5.86 -3.61
N GLY A 169 -11.65 -5.32 -4.82
CA GLY A 169 -12.09 -3.98 -5.15
C GLY A 169 -13.59 -3.76 -4.95
N ILE A 170 -14.39 -4.70 -5.45
CA ILE A 170 -15.84 -4.65 -5.33
C ILE A 170 -16.27 -4.72 -3.88
N ASN A 171 -15.71 -5.66 -3.13
CA ASN A 171 -16.06 -5.88 -1.74
C ASN A 171 -15.75 -4.68 -0.83
N THR A 172 -14.76 -3.88 -1.22
CA THR A 172 -14.23 -2.79 -0.38
C THR A 172 -14.48 -1.38 -0.92
N LEU A 173 -15.30 -1.27 -1.98
CA LEU A 173 -15.54 0.01 -2.65
C LEU A 173 -16.08 1.11 -1.73
N PRO A 174 -17.13 0.84 -0.91
CA PRO A 174 -17.63 1.83 0.04
C PRO A 174 -16.53 2.35 0.98
N THR A 175 -15.71 1.45 1.52
CA THR A 175 -14.59 1.83 2.39
C THR A 175 -13.59 2.68 1.62
N ALA A 176 -13.18 2.19 0.45
CA ALA A 176 -12.22 2.88 -0.42
C ALA A 176 -12.74 4.26 -0.84
N GLY A 177 -14.03 4.30 -1.18
CA GLY A 177 -14.72 5.54 -1.53
C GLY A 177 -14.70 6.58 -0.42
N ALA A 178 -14.90 6.14 0.83
CA ALA A 178 -14.88 7.02 1.99
C ALA A 178 -13.50 7.63 2.26
N PHE A 179 -12.43 6.90 1.92
CA PHE A 179 -11.05 7.32 2.16
C PHE A 179 -10.46 8.16 1.01
N ALA A 180 -10.68 7.70 -0.23
CA ALA A 180 -10.15 8.36 -1.42
C ALA A 180 -10.93 9.65 -1.71
N ARG A 181 -10.23 10.64 -2.29
CA ARG A 181 -10.80 11.97 -2.66
C ARG A 181 -10.71 12.19 -4.19
N SER A 182 -10.21 11.21 -4.95
CA SER A 182 -10.12 11.30 -6.41
C SER A 182 -10.03 9.90 -7.01
N ALA A 183 -10.18 9.83 -8.33
CA ALA A 183 -10.11 8.57 -9.07
C ALA A 183 -8.77 7.88 -8.86
N ASP A 184 -7.69 8.67 -8.92
CA ASP A 184 -6.33 8.18 -8.72
C ASP A 184 -6.10 7.65 -7.31
N GLU A 185 -6.65 8.36 -6.31
CA GLU A 185 -6.54 7.94 -4.91
C GLU A 185 -7.35 6.66 -4.65
N LEU A 186 -8.48 6.51 -5.35
CA LEU A 186 -9.30 5.31 -5.25
C LEU A 186 -8.51 4.09 -5.74
N ALA A 187 -7.99 4.19 -6.97
CA ALA A 187 -7.20 3.12 -7.59
C ALA A 187 -5.94 2.83 -6.76
N GLY A 188 -5.30 3.89 -6.26
CA GLY A 188 -4.13 3.78 -5.39
C GLY A 188 -4.40 2.94 -4.15
N PHE A 189 -5.53 3.21 -3.49
CA PHE A 189 -5.97 2.47 -2.30
C PHE A 189 -6.24 1.00 -2.63
N GLN A 190 -6.90 0.77 -3.77
CA GLN A 190 -7.23 -0.57 -4.23
C GLN A 190 -5.98 -1.39 -4.52
N HIS A 191 -4.97 -0.74 -5.12
CA HIS A 191 -3.69 -1.37 -5.41
C HIS A 191 -2.94 -1.76 -4.15
N ALA A 192 -2.94 -0.87 -3.15
CA ALA A 192 -2.35 -1.15 -1.84
C ALA A 192 -3.05 -2.33 -1.18
N TYR A 193 -4.39 -2.30 -1.17
CA TYR A 193 -5.22 -3.36 -0.55
C TYR A 193 -4.96 -4.69 -1.26
N ARG A 194 -4.92 -4.68 -2.59
CA ARG A 194 -4.63 -5.86 -3.44
C ARG A 194 -3.28 -6.48 -3.03
N ASP A 195 -2.22 -5.67 -2.97
CA ASP A 195 -0.87 -6.15 -2.71
C ASP A 195 -0.72 -6.74 -1.30
N ILE A 196 -1.52 -6.24 -0.36
CA ILE A 196 -1.53 -6.72 1.02
C ILE A 196 -2.40 -7.97 1.15
N ALA A 197 -3.67 -7.84 0.73
CA ALA A 197 -4.67 -8.89 0.88
C ALA A 197 -4.36 -10.15 0.06
N LEU A 198 -3.86 -9.95 -1.17
CA LEU A 198 -3.62 -11.03 -2.12
C LEU A 198 -2.13 -11.38 -2.31
N GLY A 199 -1.25 -10.59 -1.70
CA GLY A 199 0.19 -10.84 -1.74
C GLY A 199 0.62 -11.73 -0.59
N GLN A 200 1.92 -12.05 -0.55
CA GLN A 200 2.50 -12.77 0.58
C GLN A 200 3.65 -11.96 1.14
N LEU A 201 3.35 -10.69 1.44
CA LEU A 201 4.34 -9.74 1.92
C LEU A 201 4.64 -9.98 3.39
N SER A 202 5.92 -9.86 3.75
CA SER A 202 6.32 -9.82 5.14
C SER A 202 5.74 -8.54 5.75
N LEU A 203 5.72 -8.47 7.08
N LEU A 203 5.73 -8.46 7.08
CA LEU A 203 5.28 -7.29 7.82
CA LEU A 203 5.25 -7.27 7.77
C LEU A 203 6.08 -6.05 7.41
C LEU A 203 6.09 -6.04 7.45
N ALA A 204 7.39 -6.23 7.22
CA ALA A 204 8.29 -5.14 6.86
C ALA A 204 8.01 -4.56 5.48
N ARG A 205 7.81 -5.46 4.50
N ARG A 205 7.81 -5.45 4.50
CA ARG A 205 7.50 -5.09 3.09
CA ARG A 205 7.50 -5.07 3.09
C ARG A 205 6.12 -4.42 3.04
C ARG A 205 6.11 -4.43 3.02
N THR A 206 5.19 -4.88 3.88
CA THR A 206 3.85 -4.28 3.99
C THR A 206 3.96 -2.86 4.55
N LEU A 207 4.79 -2.71 5.60
CA LEU A 207 5.06 -1.41 6.20
C LEU A 207 5.73 -0.48 5.20
N ASP A 208 6.70 -1.01 4.44
CA ASP A 208 7.40 -0.22 3.43
C ASP A 208 6.46 0.27 2.33
N LEU A 209 5.55 -0.61 1.90
CA LEU A 209 4.53 -0.31 0.90
C LEU A 209 3.67 0.87 1.36
N VAL A 210 3.19 0.79 2.61
CA VAL A 210 2.36 1.84 3.19
C VAL A 210 3.13 3.16 3.34
N LEU A 211 4.40 3.08 3.76
CA LEU A 211 5.25 4.26 3.90
C LEU A 211 5.47 4.97 2.56
N GLU A 212 5.78 4.18 1.52
CA GLU A 212 6.03 4.70 0.19
C GLU A 212 4.81 5.46 -0.34
N ARG A 213 3.61 4.92 -0.11
CA ARG A 213 2.35 5.44 -0.71
C ARG A 213 1.76 6.56 0.14
N TYR A 214 1.79 6.44 1.48
CA TYR A 214 1.04 7.30 2.42
C TYR A 214 1.92 7.96 3.48
N GLY A 215 3.23 7.68 3.48
CA GLY A 215 4.15 8.16 4.50
C GLY A 215 4.09 9.64 4.82
N ASN A 216 4.04 10.49 3.78
CA ASN A 216 3.98 11.95 3.97
C ASN A 216 2.56 12.51 3.85
N ASP A 217 1.56 11.61 3.85
CA ASP A 217 0.15 11.97 3.85
C ASP A 217 -0.48 11.41 5.12
N ASP A 218 -1.70 10.86 5.02
CA ASP A 218 -2.46 10.35 6.15
C ASP A 218 -2.21 8.86 6.29
N ILE A 219 -1.02 8.50 6.77
CA ILE A 219 -0.63 7.10 6.91
C ILE A 219 -1.51 6.33 7.89
N HIS A 220 -1.91 6.99 8.99
CA HIS A 220 -2.76 6.36 10.01
C HIS A 220 -4.20 6.19 9.52
N GLY A 221 -4.70 7.20 8.81
CA GLY A 221 -6.00 7.14 8.14
C GLY A 221 -6.04 6.02 7.10
N ALA A 222 -4.95 5.89 6.33
CA ALA A 222 -4.82 4.84 5.33
C ALA A 222 -4.88 3.44 5.96
N LEU A 223 -4.15 3.25 7.06
CA LEU A 223 -4.11 1.97 7.76
C LEU A 223 -5.47 1.61 8.36
N GLY A 224 -6.11 2.59 9.01
CA GLY A 224 -7.45 2.42 9.54
C GLY A 224 -8.47 2.04 8.46
N ALA A 225 -8.35 2.67 7.29
CA ALA A 225 -9.21 2.39 6.15
C ALA A 225 -8.94 0.99 5.58
N LEU A 226 -7.66 0.61 5.51
CA LEU A 226 -7.27 -0.71 5.04
C LEU A 226 -7.86 -1.81 5.91
N ILE A 227 -7.88 -1.59 7.23
CA ILE A 227 -8.46 -2.53 8.19
C ILE A 227 -9.98 -2.58 8.07
N GLN A 228 -10.61 -1.41 7.88
CA GLN A 228 -12.04 -1.36 7.56
C GLN A 228 -12.34 -2.19 6.31
N ALA A 229 -11.46 -2.05 5.30
CA ALA A 229 -11.60 -2.78 4.05
C ALA A 229 -11.50 -4.29 4.26
N LEU A 230 -10.51 -4.72 5.06
CA LEU A 230 -10.35 -6.14 5.44
C LEU A 230 -11.63 -6.70 6.08
N GLY A 231 -12.30 -5.86 6.87
CA GLY A 231 -13.53 -6.23 7.55
C GLY A 231 -14.71 -6.36 6.61
N HIS A 232 -14.82 -5.41 5.67
CA HIS A 232 -15.86 -5.42 4.65
C HIS A 232 -15.67 -6.60 3.67
N ASP A 233 -14.41 -6.94 3.40
CA ASP A 233 -14.06 -8.07 2.55
C ASP A 233 -14.54 -9.39 3.19
N LEU A 234 -14.20 -9.58 4.47
CA LEU A 234 -14.61 -10.78 5.21
C LEU A 234 -16.12 -10.87 5.39
N ALA A 235 -16.77 -9.71 5.52
CA ALA A 235 -18.22 -9.63 5.69
C ALA A 235 -18.99 -10.04 4.44
N ALA A 236 -18.37 -9.84 3.27
CA ALA A 236 -19.00 -10.15 1.98
C ALA A 236 -19.33 -11.64 1.87
N ALA A 237 -20.33 -11.96 1.05
CA ALA A 237 -20.73 -13.35 0.79
C ALA A 237 -19.51 -14.14 0.32
N THR A 238 -18.76 -13.57 -0.64
CA THR A 238 -17.54 -14.18 -1.15
C THR A 238 -16.35 -13.25 -0.97
N PRO A 239 -15.57 -13.39 0.12
CA PRO A 239 -14.35 -12.59 0.31
C PRO A 239 -13.32 -12.85 -0.79
N SER A 240 -12.41 -11.90 -1.02
CA SER A 240 -11.39 -11.99 -2.07
C SER A 240 -10.35 -13.08 -1.84
N THR A 241 -10.12 -13.41 -0.56
CA THR A 241 -9.23 -14.51 -0.17
C THR A 241 -9.82 -15.17 1.08
N ASP A 242 -9.17 -16.24 1.57
CA ASP A 242 -9.73 -17.03 2.67
C ASP A 242 -9.82 -16.21 3.96
N GLY A 243 -10.81 -16.54 4.79
CA GLY A 243 -11.14 -15.80 6.00
C GLY A 243 -10.02 -15.83 7.02
N VAL A 244 -9.34 -16.97 7.12
CA VAL A 244 -8.22 -17.14 8.03
C VAL A 244 -7.14 -16.09 7.73
N ARG A 245 -6.85 -15.88 6.45
N ARG A 245 -6.84 -15.90 6.45
CA ARG A 245 -5.80 -14.94 5.97
CA ARG A 245 -5.82 -14.94 5.93
C ARG A 245 -6.23 -13.49 6.26
C ARG A 245 -6.24 -13.51 6.28
N LEU A 246 -7.49 -13.15 5.99
CA LEU A 246 -8.00 -11.81 6.28
C LEU A 246 -7.88 -11.43 7.77
N GLN A 247 -8.18 -12.41 8.65
N GLN A 247 -8.17 -12.40 8.66
CA GLN A 247 -8.05 -12.23 10.10
CA GLN A 247 -8.03 -12.21 10.10
C GLN A 247 -6.60 -11.97 10.52
C GLN A 247 -6.58 -11.95 10.52
N VAL A 248 -5.66 -12.75 9.97
CA VAL A 248 -4.23 -12.56 10.20
C VAL A 248 -3.77 -11.19 9.72
N LEU A 249 -4.26 -10.78 8.55
CA LEU A 249 -3.91 -9.48 7.97
C LEU A 249 -4.34 -8.29 8.84
N ALA A 250 -5.51 -8.40 9.48
CA ALA A 250 -5.99 -7.36 10.40
C ALA A 250 -5.01 -7.18 11.56
N SER A 251 -4.54 -8.31 12.12
N SER A 251 -4.55 -8.31 12.12
CA SER A 251 -3.54 -8.30 13.19
CA SER A 251 -3.54 -8.34 13.18
C SER A 251 -2.20 -7.76 12.70
C SER A 251 -2.21 -7.76 12.69
N ASP A 252 -1.81 -8.14 11.47
CA ASP A 252 -0.60 -7.64 10.83
C ASP A 252 -0.64 -6.11 10.68
N LEU A 253 -1.77 -5.59 10.19
CA LEU A 253 -1.92 -4.16 9.95
C LEU A 253 -1.93 -3.34 11.24
N TYR A 254 -2.39 -3.92 12.34
CA TYR A 254 -2.30 -3.31 13.69
C TYR A 254 -0.83 -3.09 14.05
N GLN A 255 0.00 -4.13 13.87
CA GLN A 255 1.43 -4.05 14.09
C GLN A 255 2.08 -2.96 13.22
N VAL A 256 1.64 -2.87 11.96
CA VAL A 256 2.12 -1.87 11.01
C VAL A 256 1.77 -0.45 11.48
N GLU A 257 0.55 -0.30 12.02
CA GLU A 257 0.09 0.97 12.59
C GLU A 257 0.91 1.38 13.82
N VAL A 258 1.23 0.41 14.68
CA VAL A 258 2.10 0.66 15.84
C VAL A 258 3.47 1.11 15.33
N ALA A 259 4.00 0.37 14.35
CA ALA A 259 5.30 0.66 13.74
C ALA A 259 5.35 2.05 13.11
N ALA A 260 4.31 2.37 12.32
CA ALA A 260 4.21 3.67 11.64
C ALA A 260 4.23 4.81 12.65
N THR A 261 3.57 4.60 13.80
CA THR A 261 3.56 5.58 14.89
C THR A 261 4.97 5.76 15.48
N VAL A 262 5.63 4.65 15.79
CA VAL A 262 7.00 4.67 16.30
C VAL A 262 7.93 5.43 15.33
N LEU A 263 7.81 5.13 14.03
CA LEU A 263 8.67 5.72 13.00
C LEU A 263 8.51 7.23 12.78
N GLU A 264 7.45 7.83 13.33
CA GLU A 264 7.27 9.29 13.34
C GLU A 264 8.39 10.04 14.08
N GLU A 265 9.05 9.34 15.02
N GLU A 265 9.07 9.36 15.02
CA GLU A 265 10.21 9.87 15.73
CA GLU A 265 10.21 9.91 15.73
C GLU A 265 11.37 10.27 14.80
C GLU A 265 11.38 10.26 14.80
N CYS A 266 11.40 9.68 13.59
CA CYS A 266 12.37 10.04 12.54
C CYS A 266 12.26 11.51 12.12
N ASN A 267 11.03 12.07 12.17
CA ASN A 267 10.81 13.49 11.89
C ASN A 267 11.59 14.36 12.89
N ALA A 268 11.41 14.10 14.17
CA ALA A 268 12.05 14.86 15.25
C ALA A 268 13.57 14.71 15.19
N LEU A 269 14.02 13.49 14.90
CA LEU A 269 15.45 13.18 14.80
C LEU A 269 16.12 14.01 13.70
N LYS A 270 15.52 13.98 12.49
CA LYS A 270 16.03 14.76 11.35
C LYS A 270 15.96 16.26 11.60
N GLN A 271 14.91 16.70 12.32
CA GLN A 271 14.72 18.10 12.67
C GLN A 271 15.83 18.58 13.61
N ARG A 272 16.12 17.77 14.65
CA ARG A 272 17.14 18.07 15.68
C ARG A 272 18.54 18.16 15.05
N LEU A 273 18.85 17.25 14.12
CA LEU A 273 20.19 17.14 13.53
C LEU A 273 20.35 17.92 12.23
N GLY A 274 19.26 18.05 11.47
CA GLY A 274 19.26 18.76 10.20
C GLY A 274 19.91 17.96 9.09
N CYS A 281 16.36 10.11 -1.87
CA CYS A 281 16.23 11.32 -1.05
C CYS A 281 16.31 10.95 0.43
N ALA A 282 17.29 11.54 1.13
CA ALA A 282 17.58 11.22 2.53
C ALA A 282 16.90 12.18 3.51
N ASP A 283 15.56 12.22 3.45
CA ASP A 283 14.73 12.98 4.38
C ASP A 283 14.17 12.03 5.46
N ALA A 284 13.19 12.49 6.25
CA ALA A 284 12.60 11.71 7.32
C ALA A 284 11.88 10.44 6.83
N GLN A 285 11.11 10.59 5.75
N GLN A 285 11.12 10.58 5.74
CA GLN A 285 10.42 9.48 5.08
CA GLN A 285 10.42 9.45 5.10
C GLN A 285 11.42 8.43 4.58
C GLN A 285 11.43 8.42 4.59
N GLY A 286 12.53 8.91 4.01
CA GLY A 286 13.61 8.05 3.55
C GLY A 286 14.25 7.27 4.69
N LEU A 287 14.47 7.94 5.83
CA LEU A 287 15.03 7.31 7.03
C LEU A 287 14.11 6.20 7.54
N MET A 288 12.80 6.47 7.60
CA MET A 288 11.80 5.49 8.04
C MET A 288 11.93 4.20 7.22
N ARG A 289 12.00 4.35 5.90
CA ARG A 289 12.11 3.21 4.95
C ARG A 289 13.48 2.53 5.11
N ASP A 290 14.53 3.31 5.37
CA ASP A 290 15.87 2.77 5.64
C ASP A 290 15.88 1.85 6.87
N LEU A 291 15.21 2.30 7.93
CA LEU A 291 15.11 1.51 9.16
C LEU A 291 14.32 0.22 8.97
N VAL A 292 13.25 0.29 8.16
CA VAL A 292 12.45 -0.89 7.87
C VAL A 292 13.26 -1.91 7.04
N GLY A 293 14.09 -1.40 6.12
CA GLY A 293 15.04 -2.22 5.39
C GLY A 293 16.02 -2.94 6.30
N ILE A 294 16.54 -2.21 7.30
CA ILE A 294 17.47 -2.73 8.28
C ILE A 294 16.85 -3.86 9.13
N SER A 295 15.55 -3.74 9.41
CA SER A 295 14.82 -4.74 10.19
C SER A 295 14.76 -6.17 9.59
N GLU A 296 15.03 -6.28 8.28
N GLU A 296 15.01 -6.29 8.28
N GLU A 296 15.02 -6.31 8.29
CA GLU A 296 15.05 -7.55 7.54
CA GLU A 296 15.07 -7.57 7.58
CA GLU A 296 15.07 -7.61 7.63
C GLU A 296 16.47 -8.00 7.16
C GLU A 296 16.47 -7.97 7.10
C GLU A 296 16.46 -7.95 7.07
N ASP A 297 17.49 -7.23 7.56
CA ASP A 297 18.88 -7.47 7.17
C ASP A 297 19.58 -8.41 8.16
N LYS A 298 19.57 -9.71 7.83
CA LYS A 298 20.17 -10.72 8.71
C LYS A 298 21.70 -10.61 8.76
N TRP A 299 22.28 -10.01 7.72
CA TRP A 299 23.72 -9.75 7.62
C TRP A 299 24.17 -8.40 8.18
N ILE A 300 23.27 -7.73 8.91
CA ILE A 300 23.54 -6.42 9.54
C ILE A 300 24.82 -6.47 10.37
N ALA A 301 25.62 -5.40 10.28
CA ALA A 301 26.82 -5.19 11.08
C ALA A 301 26.95 -3.70 11.38
N PRO A 302 27.75 -3.29 12.38
CA PRO A 302 27.91 -1.87 12.72
C PRO A 302 28.25 -0.97 11.52
N ALA A 303 29.04 -1.48 10.57
CA ALA A 303 29.43 -0.72 9.38
C ALA A 303 28.24 -0.15 8.59
N ARG A 304 27.13 -0.89 8.56
CA ARG A 304 25.86 -0.48 7.88
C ARG A 304 25.32 0.81 8.50
N PHE A 305 25.44 0.96 9.83
CA PHE A 305 24.98 2.15 10.53
C PHE A 305 25.85 3.37 10.24
N GLU A 306 27.14 3.13 9.97
CA GLU A 306 28.06 4.18 9.55
C GLU A 306 27.64 4.75 8.20
N LYS A 307 27.29 3.86 7.26
CA LYS A 307 26.84 4.25 5.93
C LYS A 307 25.49 4.98 5.98
N LEU A 308 24.60 4.52 6.87
CA LEU A 308 23.32 5.18 7.12
C LEU A 308 23.56 6.61 7.59
N ALA A 309 24.46 6.77 8.57
CA ALA A 309 24.81 8.07 9.11
C ALA A 309 25.32 9.00 8.02
N GLU A 310 26.20 8.48 7.16
CA GLU A 310 26.77 9.22 6.03
C GLU A 310 25.67 9.65 5.05
N ARG A 311 24.80 8.70 4.70
CA ARG A 311 23.65 8.94 3.78
C ARG A 311 22.80 10.10 4.32
N HIS A 312 22.66 10.20 5.64
CA HIS A 312 21.81 11.20 6.28
C HIS A 312 22.58 12.42 6.82
N GLY A 313 23.83 12.58 6.39
CA GLY A 313 24.63 13.76 6.67
C GLY A 313 25.06 13.96 8.11
N ALA A 314 25.09 12.86 8.89
CA ALA A 314 25.53 12.86 10.28
C ALA A 314 27.02 12.49 10.33
N ASN A 315 27.86 13.40 9.84
CA ASN A 315 29.28 13.13 9.60
C ASN A 315 30.21 13.60 10.71
N ALA A 316 29.92 14.77 11.30
CA ALA A 316 30.65 15.27 12.45
C ALA A 316 30.39 14.37 13.66
N LEU A 317 31.37 14.31 14.56
CA LEU A 317 31.38 13.35 15.67
C LEU A 317 30.13 13.42 16.55
N SER A 318 29.76 14.63 16.96
CA SER A 318 28.60 14.86 17.83
C SER A 318 27.29 14.44 17.17
N GLU A 319 27.07 14.89 15.93
N GLU A 319 27.06 14.89 15.93
CA GLU A 319 25.87 14.57 15.16
CA GLU A 319 25.85 14.56 15.18
C GLU A 319 25.79 13.07 14.86
C GLU A 319 25.77 13.08 14.81
N ARG A 320 26.95 12.44 14.64
CA ARG A 320 27.08 10.98 14.38
C ARG A 320 26.58 10.22 15.62
N ILE A 321 27.04 10.61 16.81
CA ILE A 321 26.63 9.98 18.07
C ILE A 321 25.12 10.14 18.30
N ALA A 322 24.62 11.36 18.11
CA ALA A 322 23.21 11.69 18.29
C ALA A 322 22.32 10.90 17.33
N PHE A 323 22.71 10.86 16.05
CA PHE A 323 21.99 10.13 15.02
C PHE A 323 21.88 8.62 15.34
N LEU A 324 23.02 8.01 15.66
CA LEU A 324 23.08 6.59 15.97
C LEU A 324 22.29 6.24 17.24
N GLY A 325 22.33 7.14 18.23
CA GLY A 325 21.54 7.01 19.44
C GLY A 325 20.05 7.03 19.14
N GLY A 326 19.64 7.99 18.31
CA GLY A 326 18.27 8.13 17.87
C GLY A 326 17.75 6.92 17.10
N VAL A 327 18.54 6.47 16.11
N VAL A 327 18.51 6.45 16.11
CA VAL A 327 18.21 5.34 15.25
CA VAL A 327 18.09 5.33 15.27
C VAL A 327 18.00 4.05 16.05
C VAL A 327 18.00 4.01 16.04
N ARG A 328 18.87 3.82 17.04
CA ARG A 328 18.83 2.62 17.91
C ARG A 328 17.54 2.65 18.76
N GLN A 329 17.18 3.81 19.32
CA GLN A 329 15.96 3.98 20.10
C GLN A 329 14.73 3.62 19.27
N ILE A 330 14.69 4.13 18.04
CA ILE A 330 13.56 3.92 17.12
C ILE A 330 13.45 2.46 16.73
N LEU A 331 14.58 1.84 16.36
CA LEU A 331 14.66 0.42 16.05
C LEU A 331 14.20 -0.46 17.21
N LYS A 332 14.58 -0.06 18.43
N LYS A 332 14.60 -0.07 18.44
CA LYS A 332 14.23 -0.78 19.65
CA LYS A 332 14.22 -0.78 19.66
C LYS A 332 12.72 -0.75 19.92
C LYS A 332 12.70 -0.77 19.87
N ASP A 333 12.09 0.40 19.67
CA ASP A 333 10.64 0.56 19.87
C ASP A 333 9.79 -0.01 18.72
N LEU A 334 10.43 -0.24 17.56
CA LEU A 334 9.77 -0.87 16.42
C LEU A 334 9.28 -2.25 16.84
N PRO A 335 7.99 -2.62 16.61
CA PRO A 335 7.47 -3.92 17.04
C PRO A 335 8.31 -5.10 16.53
N THR A 336 8.49 -6.12 17.38
CA THR A 336 9.29 -7.30 17.04
C THR A 336 8.81 -7.96 15.75
N GLN A 337 7.49 -7.96 15.53
CA GLN A 337 6.88 -8.61 14.36
C GLN A 337 7.26 -7.98 13.01
N ILE A 338 7.72 -6.73 13.04
CA ILE A 338 8.21 -6.05 11.84
C ILE A 338 9.47 -6.73 11.31
N TYR A 339 10.33 -7.17 12.24
CA TYR A 339 11.66 -7.76 11.94
C TYR A 339 11.47 -9.13 11.27
N ALA A 340 12.45 -9.54 10.45
CA ALA A 340 12.43 -10.83 9.77
C ALA A 340 12.17 -11.96 10.77
N ASP A 341 12.85 -11.90 11.92
CA ASP A 341 12.55 -12.74 13.08
C ASP A 341 13.22 -12.15 14.32
N MET A 342 12.99 -12.78 15.48
N MET A 342 13.00 -12.79 15.47
CA MET A 342 13.55 -12.36 16.76
CA MET A 342 13.54 -12.34 16.76
C MET A 342 15.08 -12.28 16.73
C MET A 342 15.07 -12.32 16.78
N ASP A 343 15.70 -13.26 16.08
CA ASP A 343 17.16 -13.34 16.00
C ASP A 343 17.76 -12.19 15.21
N VAL A 344 17.10 -11.82 14.10
CA VAL A 344 17.54 -10.71 13.28
C VAL A 344 17.42 -9.40 14.07
N ARG A 345 16.31 -9.25 14.81
CA ARG A 345 16.09 -8.09 15.71
C ARG A 345 17.27 -7.96 16.69
N ALA A 346 17.61 -9.06 17.36
CA ALA A 346 18.71 -9.07 18.33
C ALA A 346 20.03 -8.61 17.70
N THR A 347 20.31 -9.11 16.49
CA THR A 347 21.52 -8.77 15.75
C THR A 347 21.53 -7.29 15.35
N VAL A 348 20.40 -6.80 14.84
CA VAL A 348 20.22 -5.39 14.48
C VAL A 348 20.52 -4.47 15.67
N LEU A 349 19.88 -4.76 16.82
CA LEU A 349 20.03 -3.94 18.03
C LEU A 349 21.43 -3.99 18.62
N ALA A 350 22.08 -5.16 18.58
CA ALA A 350 23.46 -5.31 19.04
C ALA A 350 24.43 -4.53 18.12
N ALA A 351 24.17 -4.58 16.81
CA ALA A 351 24.96 -3.84 15.83
C ALA A 351 24.78 -2.33 15.97
N ALA A 352 23.53 -1.89 16.18
CA ALA A 352 23.22 -0.47 16.40
C ALA A 352 23.93 0.07 17.65
N GLN A 353 23.89 -0.72 18.73
CA GLN A 353 24.58 -0.40 19.99
C GLN A 353 26.10 -0.28 19.80
N ASP A 354 26.68 -1.22 19.04
CA ASP A 354 28.11 -1.23 18.77
C ASP A 354 28.55 -0.04 17.91
N ALA A 355 27.74 0.31 16.91
CA ALA A 355 27.99 1.46 16.06
C ALA A 355 28.00 2.75 16.89
N LEU A 356 27.01 2.89 17.78
CA LEU A 356 26.91 4.00 18.72
C LEU A 356 28.15 4.08 19.61
N ASP A 357 28.50 2.96 20.24
CA ASP A 357 29.67 2.87 21.12
C ASP A 357 30.98 3.19 20.40
N ASN A 358 31.10 2.76 19.14
CA ASN A 358 32.27 3.05 18.32
C ASN A 358 32.44 4.55 18.08
N ALA A 359 31.32 5.24 17.80
CA ALA A 359 31.29 6.69 17.62
C ALA A 359 31.63 7.42 18.91
N ILE A 360 31.07 6.96 20.03
CA ILE A 360 31.37 7.50 21.35
C ILE A 360 32.86 7.34 21.69
N ALA A 361 33.43 6.17 21.33
CA ALA A 361 34.84 5.87 21.59
C ALA A 361 35.81 6.79 20.84
N MET A 362 35.36 7.36 19.73
CA MET A 362 36.15 8.33 18.96
C MET A 362 36.18 9.71 19.64
N GLU A 363 35.24 9.95 20.56
CA GLU A 363 35.23 11.12 21.44
C GLU A 363 35.99 10.79 22.72
#